data_6DZN
#
_entry.id   6DZN
#
_cell.length_a   42.057
_cell.length_b   96.837
_cell.length_c   54.309
_cell.angle_alpha   90.00
_cell.angle_beta   102.91
_cell.angle_gamma   90.00
#
_symmetry.space_group_name_H-M   'P 1 21 1'
#
loop_
_entity.id
_entity.type
_entity.pdbx_description
1 polymer 'Antibody ADI-15878, light chain'
2 polymer 'Antibody ADI-15878, heavy chain'
3 non-polymer 'CHLORIDE ION'
4 non-polymer 2-(2-ETHOXYETHOXY)ETHANOL
5 non-polymer 'TETRAETHYLENE GLYCOL'
6 water water
#
loop_
_entity_poly.entity_id
_entity_poly.type
_entity_poly.pdbx_seq_one_letter_code
_entity_poly.pdbx_strand_id
1 'polypeptide(L)'
;DIVLTQSPSTLSASVGDRVTITCRASQSISSWLAWYQQKPGEAPKLLISDASSLESGVPSRFSGSGSGTEFTLTISSLQP
DDFATYYCQQYYSSPIFGGGTKVEIKRTVAAPSVFIFPPSDEQLKSGTASVVCLLNNFYPREAKVQWKVDNALQSGNSQE
SVTEQDSKDSTYSLSSTLTLSKADYEKHKVYACEVTHQGLRSPVTKSFNRGEC
;
L
2 'polypeptide(L)'
;QVQLVQSGVTLVQPGGSLRVSCAASGFTFSSYAMSWVRQAPGKGLEWVSAISGLGGSTYYADSVKGRFTISRDNSKNTLY
LQMNSLRAEDTAVYYCAKDHRVWAAGYHFDYWGQGALVTVSSASTKGPSVFPLAPSSKSTSGGTAALGCLVKDYFPEPVT
VSWNSGALTSGVHTFPAVLQSSGLYSLSSVVTVPSSSLGTQTYICNVNHKPSNTKVDKKVEPKSCD
;
H
#
loop_
_chem_comp.id
_chem_comp.type
_chem_comp.name
_chem_comp.formula
AE3 non-polymer 2-(2-ETHOXYETHOXY)ETHANOL 'C6 H14 O3'
CL non-polymer 'CHLORIDE ION' 'Cl -1'
PG4 non-polymer 'TETRAETHYLENE GLYCOL' 'C8 H18 O5'
#
# COMPACT_ATOMS: atom_id res chain seq x y z
N ASP A 1 -22.75 8.05 -4.41
CA ASP A 1 -23.75 9.01 -4.89
C ASP A 1 -23.10 10.42 -4.93
N ILE A 2 -22.79 11.05 -3.76
CA ILE A 2 -22.10 12.35 -3.72
C ILE A 2 -20.60 12.06 -3.85
N VAL A 3 -19.97 12.54 -4.92
CA VAL A 3 -18.55 12.35 -5.20
C VAL A 3 -17.76 13.43 -4.49
N LEU A 4 -16.73 13.05 -3.75
CA LEU A 4 -15.87 14.00 -3.04
C LEU A 4 -14.52 13.91 -3.69
N THR A 5 -13.95 15.05 -4.08
CA THR A 5 -12.67 15.08 -4.75
C THR A 5 -11.67 15.91 -3.95
N GLN A 6 -10.50 15.31 -3.68
CA GLN A 6 -9.43 15.98 -2.96
C GLN A 6 -8.33 16.47 -3.93
N SER A 7 -7.79 17.66 -3.65
CA SER A 7 -6.71 18.24 -4.43
C SER A 7 -5.77 18.92 -3.44
N PRO A 8 -4.45 18.69 -3.51
CA PRO A 8 -3.74 17.77 -4.42
C PRO A 8 -3.90 16.33 -3.90
N SER A 9 -3.56 15.33 -4.70
CA SER A 9 -3.59 13.92 -4.29
C SER A 9 -2.36 13.59 -3.42
N THR A 10 -1.22 14.23 -3.73
CA THR A 10 0.02 14.12 -2.94
C THR A 10 0.55 15.55 -2.70
N LEU A 11 0.88 15.87 -1.43
CA LEU A 11 1.34 17.19 -0.99
C LEU A 11 2.73 17.04 -0.37
N SER A 12 3.76 17.48 -1.08
CA SER A 12 5.13 17.43 -0.61
C SER A 12 5.33 18.68 0.20
N ALA A 13 5.52 18.50 1.50
CA ALA A 13 5.68 19.58 2.45
C ALA A 13 6.89 19.36 3.31
N SER A 14 7.42 20.44 3.80
CA SER A 14 8.53 20.44 4.74
C SER A 14 7.96 20.94 6.04
N VAL A 15 8.61 20.57 7.12
CA VAL A 15 8.23 20.97 8.47
C VAL A 15 8.20 22.51 8.56
N GLY A 16 7.16 23.04 9.19
CA GLY A 16 6.98 24.47 9.37
C GLY A 16 6.16 25.13 8.27
N ASP A 17 5.79 24.38 7.22
CA ASP A 17 5.01 24.89 6.11
C ASP A 17 3.55 25.04 6.51
N ARG A 18 2.84 25.96 5.85
CA ARG A 18 1.40 26.14 6.03
C ARG A 18 0.78 25.21 4.97
N VAL A 19 0.11 24.14 5.40
CA VAL A 19 -0.45 23.16 4.48
C VAL A 19 -1.96 23.34 4.32
N THR A 20 -2.44 23.32 3.06
CA THR A 20 -3.86 23.43 2.73
C THR A 20 -4.30 22.26 1.83
N ILE A 21 -5.38 21.57 2.24
CA ILE A 21 -5.98 20.44 1.54
C ILE A 21 -7.40 20.82 1.22
N THR A 22 -7.82 20.73 -0.02
CA THR A 22 -9.18 21.07 -0.38
C THR A 22 -9.99 19.81 -0.65
N CYS A 23 -11.31 19.91 -0.45
CA CYS A 23 -12.28 18.85 -0.72
C CYS A 23 -13.40 19.50 -1.48
N ARG A 24 -13.77 18.94 -2.64
CA ARG A 24 -14.83 19.47 -3.50
C ARG A 24 -15.90 18.43 -3.68
N ALA A 25 -17.15 18.80 -3.36
CA ALA A 25 -18.31 17.90 -3.43
C ALA A 25 -19.07 18.10 -4.73
N SER A 26 -19.67 17.01 -5.26
CA SER A 26 -20.43 17.10 -6.51
C SER A 26 -21.71 17.94 -6.37
N GLN A 27 -22.27 18.01 -5.16
CA GLN A 27 -23.46 18.79 -4.81
C GLN A 27 -23.21 19.42 -3.44
N SER A 28 -24.02 20.43 -3.07
CA SER A 28 -23.92 21.03 -1.77
C SER A 28 -24.27 20.03 -0.63
N ILE A 29 -23.41 20.00 0.40
CA ILE A 29 -23.58 19.17 1.59
C ILE A 29 -23.68 20.07 2.81
N SER A 30 -24.02 21.37 2.62
CA SER A 30 -24.13 22.33 3.71
C SER A 30 -22.79 22.32 4.44
N SER A 31 -22.69 21.90 5.70
CA SER A 31 -21.42 21.85 6.40
C SER A 31 -21.21 20.46 7.01
N TRP A 32 -21.90 19.43 6.50
CA TRP A 32 -21.85 18.08 7.02
C TRP A 32 -20.68 17.31 6.38
N LEU A 33 -19.47 17.70 6.83
CA LEU A 33 -18.22 17.13 6.35
C LEU A 33 -17.23 16.91 7.52
N ALA A 34 -16.56 15.76 7.51
CA ALA A 34 -15.57 15.43 8.53
C ALA A 34 -14.22 15.23 7.87
N TRP A 35 -13.12 15.46 8.62
CA TRP A 35 -11.75 15.20 8.16
C TRP A 35 -11.10 14.16 9.07
N TYR A 36 -10.38 13.20 8.47
CA TYR A 36 -9.65 12.15 9.20
C TYR A 36 -8.22 12.17 8.80
N GLN A 37 -7.36 11.66 9.69
CA GLN A 37 -5.92 11.48 9.50
C GLN A 37 -5.64 9.98 9.59
N GLN A 38 -4.80 9.44 8.72
CA GLN A 38 -4.45 8.04 8.80
C GLN A 38 -2.96 7.81 8.46
N LYS A 39 -2.25 7.08 9.32
CA LYS A 39 -0.86 6.68 9.10
C LYS A 39 -0.83 5.18 8.77
N PRO A 40 0.24 4.68 8.11
CA PRO A 40 0.24 3.25 7.73
C PRO A 40 0.13 2.32 8.93
N GLY A 41 -0.57 1.19 8.76
CA GLY A 41 -0.79 0.21 9.82
C GLY A 41 -1.72 0.69 10.91
N GLU A 42 -2.54 1.74 10.61
CA GLU A 42 -3.43 2.31 11.61
C GLU A 42 -4.81 2.66 11.07
N ALA A 43 -5.78 2.68 11.98
CA ALA A 43 -7.16 3.07 11.69
C ALA A 43 -7.20 4.57 11.59
N PRO A 44 -8.21 5.16 10.89
CA PRO A 44 -8.27 6.62 10.84
C PRO A 44 -8.58 7.25 12.20
N LYS A 45 -8.24 8.54 12.34
CA LYS A 45 -8.50 9.35 13.55
C LYS A 45 -9.28 10.57 13.10
N LEU A 46 -10.44 10.84 13.71
CA LEU A 46 -11.26 12.03 13.40
C LEU A 46 -10.57 13.31 13.90
N LEU A 47 -10.43 14.30 13.01
CA LEU A 47 -9.83 15.60 13.33
C LEU A 47 -10.88 16.67 13.49
N ILE A 48 -11.74 16.81 12.49
CA ILE A 48 -12.73 17.88 12.43
C ILE A 48 -14.10 17.30 12.06
N SER A 49 -15.17 17.88 12.62
CA SER A 49 -16.55 17.50 12.28
C SER A 49 -17.29 18.77 11.92
N ASP A 50 -18.42 18.62 11.23
N ASP A 50 -18.44 18.64 11.25
CA ASP A 50 -19.27 19.73 10.80
CA ASP A 50 -19.27 19.77 10.85
C ASP A 50 -18.45 20.83 10.09
C ASP A 50 -18.43 20.86 10.12
N ALA A 51 -17.48 20.42 9.26
CA ALA A 51 -16.57 21.27 8.47
C ALA A 51 -15.51 22.07 9.26
N SER A 52 -15.82 22.63 10.46
CA SER A 52 -14.84 23.44 11.21
C SER A 52 -14.75 23.12 12.72
N SER A 53 -15.48 22.11 13.23
CA SER A 53 -15.49 21.81 14.65
C SER A 53 -14.37 20.82 14.99
N LEU A 54 -13.35 21.31 15.70
CA LEU A 54 -12.14 20.57 16.01
C LEU A 54 -12.36 19.54 17.15
N GLU A 55 -12.07 18.27 16.85
CA GLU A 55 -12.26 17.14 17.78
C GLU A 55 -11.37 17.28 19.02
N SER A 56 -11.86 16.85 20.20
CA SER A 56 -11.11 16.99 21.46
C SER A 56 -9.77 16.26 21.44
N GLY A 57 -8.73 16.95 21.89
CA GLY A 57 -7.37 16.44 21.90
C GLY A 57 -6.62 16.68 20.61
N VAL A 58 -7.26 17.30 19.60
CA VAL A 58 -6.60 17.56 18.33
C VAL A 58 -5.88 18.90 18.46
N PRO A 59 -4.60 18.99 18.03
CA PRO A 59 -3.89 20.27 18.15
C PRO A 59 -4.57 21.43 17.42
N SER A 60 -4.43 22.65 17.98
CA SER A 60 -4.98 23.92 17.46
C SER A 60 -4.44 24.27 16.07
N ARG A 61 -3.28 23.71 15.75
CA ARG A 61 -2.57 23.75 14.45
C ARG A 61 -3.50 23.45 13.27
N PHE A 62 -4.34 22.44 13.45
CA PHE A 62 -5.31 21.95 12.48
C PHE A 62 -6.55 22.82 12.57
N SER A 63 -7.11 23.21 11.42
CA SER A 63 -8.36 23.97 11.37
C SER A 63 -9.10 23.59 10.08
N GLY A 64 -10.41 23.68 10.14
CA GLY A 64 -11.24 23.39 8.99
C GLY A 64 -12.12 24.56 8.68
N SER A 65 -12.46 24.73 7.42
CA SER A 65 -13.37 25.79 6.96
C SER A 65 -14.11 25.31 5.70
N GLY A 66 -15.12 26.06 5.31
CA GLY A 66 -15.93 25.77 4.13
C GLY A 66 -17.33 25.31 4.42
N SER A 67 -18.11 25.21 3.34
CA SER A 67 -19.52 24.79 3.28
C SER A 67 -19.92 24.63 1.79
N GLY A 68 -21.10 24.07 1.56
CA GLY A 68 -21.60 23.87 0.21
C GLY A 68 -20.86 22.79 -0.55
N THR A 69 -20.03 23.19 -1.52
CA THR A 69 -19.25 22.26 -2.32
C THR A 69 -17.73 22.44 -2.15
N GLU A 70 -17.25 23.38 -1.31
CA GLU A 70 -15.82 23.66 -1.13
C GLU A 70 -15.44 23.72 0.33
N PHE A 71 -14.50 22.87 0.72
CA PHE A 71 -14.02 22.72 2.08
C PHE A 71 -12.51 22.66 2.07
N THR A 72 -11.85 23.12 3.15
CA THR A 72 -10.39 23.10 3.25
C THR A 72 -9.90 22.75 4.65
N LEU A 73 -8.98 21.77 4.75
CA LEU A 73 -8.30 21.44 5.99
C LEU A 73 -7.00 22.18 5.90
N THR A 74 -6.67 22.97 6.93
CA THR A 74 -5.44 23.72 6.98
C THR A 74 -4.68 23.30 8.22
N ILE A 75 -3.34 23.17 8.09
CA ILE A 75 -2.38 22.92 9.18
C ILE A 75 -1.49 24.16 9.16
N SER A 76 -1.54 24.96 10.25
CA SER A 76 -0.83 26.22 10.47
C SER A 76 0.67 26.16 10.19
N SER A 77 1.37 25.22 10.83
CA SER A 77 2.81 24.99 10.64
C SER A 77 3.00 23.49 10.77
N LEU A 78 3.39 22.81 9.68
CA LEU A 78 3.49 21.37 9.70
C LEU A 78 4.51 20.85 10.70
N GLN A 79 4.16 19.79 11.40
CA GLN A 79 5.06 19.14 12.35
C GLN A 79 5.43 17.75 11.90
N PRO A 80 6.50 17.12 12.47
CA PRO A 80 6.85 15.74 12.07
C PRO A 80 5.72 14.72 12.17
N ASP A 81 4.89 14.83 13.21
CA ASP A 81 3.78 13.92 13.45
C ASP A 81 2.64 14.07 12.43
N ASP A 82 2.66 15.15 11.58
CA ASP A 82 1.61 15.44 10.60
C ASP A 82 1.79 14.77 9.23
N PHE A 83 2.93 14.14 8.95
CA PHE A 83 3.10 13.44 7.65
C PHE A 83 2.23 12.22 7.74
N ALA A 84 1.22 12.15 6.87
CA ALA A 84 0.16 11.12 6.90
C ALA A 84 -0.77 11.32 5.73
N THR A 85 -1.81 10.49 5.61
CA THR A 85 -2.85 10.70 4.60
C THR A 85 -4.06 11.27 5.30
N TYR A 86 -4.69 12.28 4.67
CA TYR A 86 -5.89 12.94 5.19
C TYR A 86 -7.04 12.71 4.26
N TYR A 87 -8.19 12.30 4.80
CA TYR A 87 -9.40 12.05 4.01
C TYR A 87 -10.51 12.95 4.45
N CYS A 88 -11.32 13.44 3.49
CA CYS A 88 -12.55 14.18 3.81
C CYS A 88 -13.71 13.19 3.67
N GLN A 89 -14.83 13.45 4.37
CA GLN A 89 -15.99 12.56 4.29
C GLN A 89 -17.27 13.35 4.46
N GLN A 90 -18.19 13.22 3.51
CA GLN A 90 -19.48 13.93 3.58
C GLN A 90 -20.52 13.04 4.26
N TYR A 91 -21.49 13.66 4.93
CA TYR A 91 -22.57 12.90 5.61
C TYR A 91 -23.90 13.62 5.51
N TYR A 92 -24.12 14.33 4.39
CA TYR A 92 -25.40 15.00 4.10
C TYR A 92 -26.33 13.88 3.64
N SER A 93 -25.87 13.01 2.72
CA SER A 93 -26.61 11.81 2.28
C SER A 93 -25.91 10.57 2.89
N SER A 94 -25.97 9.40 2.18
CA SER A 94 -25.28 8.18 2.60
C SER A 94 -23.76 8.52 2.60
N PRO A 95 -22.98 8.09 3.60
CA PRO A 95 -21.59 8.57 3.67
C PRO A 95 -20.67 8.12 2.55
N ILE A 96 -19.78 9.04 2.13
CA ILE A 96 -18.78 8.82 1.09
C ILE A 96 -17.50 9.51 1.53
N PHE A 97 -16.35 8.90 1.21
CA PHE A 97 -15.05 9.47 1.48
C PHE A 97 -14.48 10.03 0.19
N GLY A 98 -13.59 11.01 0.35
CA GLY A 98 -12.77 11.54 -0.73
C GLY A 98 -11.66 10.53 -0.97
N GLY A 99 -10.84 10.74 -2.00
CA GLY A 99 -9.78 9.79 -2.35
C GLY A 99 -8.55 9.77 -1.47
N GLY A 100 -8.39 10.79 -0.63
CA GLY A 100 -7.24 10.97 0.27
C GLY A 100 -6.15 11.85 -0.31
N THR A 101 -5.45 12.59 0.60
CA THR A 101 -4.32 13.46 0.24
C THR A 101 -3.14 13.08 1.11
N LYS A 102 -2.08 12.54 0.51
CA LYS A 102 -0.87 12.17 1.24
C LYS A 102 0.03 13.37 1.47
N VAL A 103 0.30 13.73 2.74
CA VAL A 103 1.24 14.80 3.07
C VAL A 103 2.54 14.07 3.22
N GLU A 104 3.49 14.27 2.27
CA GLU A 104 4.76 13.58 2.30
C GLU A 104 5.92 14.55 2.47
N ILE A 105 7.04 14.00 2.93
CA ILE A 105 8.24 14.72 3.35
C ILE A 105 8.97 15.29 2.12
N LYS A 106 9.05 16.61 2.03
CA LYS A 106 9.76 17.25 0.94
C LYS A 106 11.24 17.29 1.25
N ARG A 107 12.05 16.85 0.31
CA ARG A 107 13.50 16.91 0.38
C ARG A 107 14.01 17.43 -0.97
N THR A 108 15.33 17.53 -1.14
CA THR A 108 15.88 18.00 -2.40
C THR A 108 15.88 16.90 -3.46
N VAL A 109 15.92 17.28 -4.74
CA VAL A 109 15.95 16.35 -5.87
C VAL A 109 17.12 15.38 -5.73
N ALA A 110 16.85 14.10 -6.00
CA ALA A 110 17.82 13.02 -5.92
C ALA A 110 17.61 12.12 -7.12
N ALA A 111 18.56 12.10 -8.04
CA ALA A 111 18.48 11.25 -9.21
C ALA A 111 18.53 9.76 -8.77
N PRO A 112 17.78 8.87 -9.45
CA PRO A 112 17.92 7.44 -9.15
C PRO A 112 19.21 6.81 -9.67
N SER A 113 19.67 5.80 -8.97
CA SER A 113 20.75 4.93 -9.39
C SER A 113 20.02 3.77 -10.02
N VAL A 114 20.26 3.52 -11.31
CA VAL A 114 19.58 2.49 -12.09
C VAL A 114 20.44 1.26 -12.22
N PHE A 115 19.90 0.11 -11.83
CA PHE A 115 20.57 -1.19 -11.91
C PHE A 115 19.64 -2.15 -12.67
N ILE A 116 20.18 -3.14 -13.37
CA ILE A 116 19.37 -4.10 -14.15
C ILE A 116 19.84 -5.51 -13.81
N PHE A 117 18.88 -6.45 -13.66
CA PHE A 117 19.18 -7.86 -13.31
C PHE A 117 18.58 -8.81 -14.33
N PRO A 118 19.41 -9.59 -15.05
CA PRO A 118 18.85 -10.60 -15.95
C PRO A 118 18.25 -11.75 -15.16
N PRO A 119 17.41 -12.59 -15.78
CA PRO A 119 16.91 -13.75 -15.06
C PRO A 119 18.03 -14.74 -14.80
N SER A 120 18.01 -15.33 -13.61
CA SER A 120 18.96 -16.36 -13.24
C SER A 120 18.64 -17.60 -14.09
N ASP A 121 19.65 -18.45 -14.26
CA ASP A 121 19.52 -19.71 -14.97
C ASP A 121 18.56 -20.68 -14.23
N GLU A 122 18.48 -20.57 -12.89
N GLU A 122 18.51 -20.62 -12.86
CA GLU A 122 17.64 -21.40 -12.03
CA GLU A 122 17.61 -21.45 -12.04
C GLU A 122 16.16 -21.12 -12.31
C GLU A 122 16.14 -21.13 -12.35
N GLN A 123 15.80 -19.84 -12.50
CA GLN A 123 14.42 -19.46 -12.82
C GLN A 123 14.10 -19.90 -14.24
N LEU A 124 15.06 -19.73 -15.18
CA LEU A 124 14.88 -20.15 -16.58
C LEU A 124 14.65 -21.65 -16.70
N LYS A 125 15.20 -22.46 -15.77
CA LYS A 125 14.98 -23.89 -15.72
C LYS A 125 13.53 -24.21 -15.34
N SER A 126 12.89 -23.36 -14.51
CA SER A 126 11.49 -23.50 -14.09
C SER A 126 10.47 -23.04 -15.17
N GLY A 127 10.94 -22.38 -16.24
CA GLY A 127 10.11 -21.94 -17.34
C GLY A 127 9.75 -20.48 -17.38
N THR A 128 10.13 -19.70 -16.35
CA THR A 128 9.80 -18.28 -16.34
C THR A 128 11.08 -17.42 -16.37
N ALA A 129 10.94 -16.20 -16.94
CA ALA A 129 12.01 -15.21 -17.00
C ALA A 129 11.52 -13.93 -16.39
N SER A 130 12.09 -13.53 -15.23
CA SER A 130 11.80 -12.26 -14.60
C SER A 130 13.03 -11.34 -14.78
N VAL A 131 12.87 -10.17 -15.42
CA VAL A 131 13.95 -9.18 -15.62
C VAL A 131 13.62 -8.05 -14.64
N VAL A 132 14.53 -7.72 -13.71
CA VAL A 132 14.31 -6.71 -12.67
C VAL A 132 15.15 -5.43 -12.89
N CYS A 133 14.45 -4.29 -12.92
CA CYS A 133 15.06 -2.97 -13.05
C CYS A 133 14.81 -2.22 -11.73
N LEU A 134 15.91 -1.85 -11.05
CA LEU A 134 15.92 -1.16 -9.78
C LEU A 134 16.29 0.31 -9.97
N LEU A 135 15.49 1.21 -9.40
CA LEU A 135 15.77 2.65 -9.38
C LEU A 135 15.96 2.91 -7.91
N ASN A 136 17.19 3.16 -7.49
CA ASN A 136 17.48 3.28 -6.06
C ASN A 136 17.68 4.70 -5.55
N ASN A 137 17.10 5.02 -4.36
CA ASN A 137 17.29 6.26 -3.60
C ASN A 137 17.12 7.54 -4.42
N PHE A 138 15.86 7.84 -4.79
CA PHE A 138 15.50 8.98 -5.59
C PHE A 138 14.36 9.79 -4.99
N TYR A 139 14.23 11.03 -5.47
CA TYR A 139 13.20 11.95 -5.02
C TYR A 139 13.02 13.06 -6.07
N PRO A 140 11.78 13.45 -6.44
CA PRO A 140 10.48 12.95 -5.98
C PRO A 140 10.12 11.57 -6.51
N ARG A 141 9.00 11.06 -6.01
CA ARG A 141 8.44 9.75 -6.39
C ARG A 141 8.26 9.63 -7.89
N GLU A 142 7.79 10.69 -8.58
CA GLU A 142 7.49 10.58 -10.02
C GLU A 142 8.68 10.13 -10.87
N ALA A 143 8.53 8.99 -11.55
CA ALA A 143 9.55 8.42 -12.41
C ALA A 143 8.89 7.60 -13.53
N LYS A 144 9.54 7.55 -14.69
CA LYS A 144 9.02 6.80 -15.83
C LYS A 144 9.98 5.68 -16.10
N VAL A 145 9.47 4.44 -16.11
CA VAL A 145 10.26 3.26 -16.39
C VAL A 145 9.61 2.58 -17.59
N GLN A 146 10.35 2.47 -18.71
CA GLN A 146 9.87 1.83 -19.93
C GLN A 146 10.76 0.61 -20.20
N TRP A 147 10.15 -0.51 -20.61
CA TRP A 147 10.90 -1.70 -20.98
C TRP A 147 10.93 -1.82 -22.52
N LYS A 148 12.11 -2.03 -23.07
CA LYS A 148 12.31 -2.21 -24.48
C LYS A 148 13.00 -3.55 -24.76
N VAL A 149 12.50 -4.36 -25.66
CA VAL A 149 13.10 -5.60 -26.02
C VAL A 149 13.35 -5.56 -27.53
N ASP A 150 14.61 -5.58 -27.93
CA ASP A 150 15.01 -5.41 -29.33
C ASP A 150 14.40 -4.13 -29.90
N ASN A 151 14.48 -3.08 -29.06
CA ASN A 151 13.98 -1.72 -29.30
C ASN A 151 12.46 -1.69 -29.56
N ALA A 152 11.72 -2.64 -28.98
CA ALA A 152 10.26 -2.70 -29.08
C ALA A 152 9.67 -2.33 -27.71
N LEU A 153 8.96 -1.21 -27.65
CA LEU A 153 8.33 -0.78 -26.39
C LEU A 153 7.39 -1.87 -25.88
N GLN A 154 7.49 -2.18 -24.59
CA GLN A 154 6.69 -3.20 -23.95
C GLN A 154 5.55 -2.53 -23.19
N SER A 155 4.41 -3.20 -23.11
CA SER A 155 3.25 -2.67 -22.40
C SER A 155 2.42 -3.78 -21.74
N GLY A 156 2.25 -3.67 -20.43
CA GLY A 156 1.41 -4.58 -19.64
C GLY A 156 2.00 -5.88 -19.15
N ASN A 157 3.28 -6.14 -19.43
CA ASN A 157 3.98 -7.40 -19.02
C ASN A 157 4.97 -7.14 -17.88
N SER A 158 4.85 -5.98 -17.24
CA SER A 158 5.69 -5.58 -16.12
C SER A 158 4.84 -4.94 -15.08
N GLN A 159 5.18 -5.12 -13.81
CA GLN A 159 4.48 -4.43 -12.74
C GLN A 159 5.51 -3.87 -11.77
N GLU A 160 5.23 -2.70 -11.18
CA GLU A 160 6.22 -2.07 -10.31
C GLU A 160 5.78 -1.99 -8.85
N SER A 161 6.76 -1.86 -7.97
CA SER A 161 6.57 -1.73 -6.54
C SER A 161 7.48 -0.63 -6.04
N VAL A 162 6.98 0.23 -5.13
CA VAL A 162 7.74 1.36 -4.59
C VAL A 162 7.79 1.20 -3.08
N THR A 163 8.90 1.59 -2.46
CA THR A 163 9.03 1.56 -1.01
C THR A 163 8.38 2.85 -0.44
N GLU A 164 8.17 2.90 0.86
CA GLU A 164 7.67 4.09 1.54
C GLU A 164 8.90 5.00 1.69
N GLN A 165 8.72 6.33 1.97
CA GLN A 165 9.90 7.19 2.13
C GLN A 165 10.86 6.65 3.19
N ASP A 166 12.16 6.68 2.88
CA ASP A 166 13.18 6.17 3.77
C ASP A 166 13.23 7.00 5.04
N SER A 167 13.38 6.32 6.18
CA SER A 167 13.46 6.95 7.48
C SER A 167 14.61 7.96 7.57
N LYS A 168 15.79 7.59 7.07
CA LYS A 168 16.98 8.45 7.12
C LYS A 168 17.00 9.59 6.11
N ASP A 169 16.93 9.27 4.81
CA ASP A 169 17.14 10.26 3.74
C ASP A 169 15.86 10.73 2.98
N SER A 170 14.66 10.19 3.31
CA SER A 170 13.37 10.55 2.69
C SER A 170 13.30 10.27 1.18
N THR A 171 14.08 9.33 0.68
CA THR A 171 14.06 8.97 -0.73
C THR A 171 13.19 7.77 -0.94
N TYR A 172 12.93 7.47 -2.19
CA TYR A 172 12.14 6.34 -2.64
C TYR A 172 13.05 5.41 -3.37
N SER A 173 12.62 4.18 -3.50
CA SER A 173 13.28 3.17 -4.30
C SER A 173 12.14 2.47 -5.03
N LEU A 174 12.41 2.01 -6.23
CA LEU A 174 11.40 1.39 -7.08
C LEU A 174 11.97 0.21 -7.81
N SER A 175 11.14 -0.82 -7.99
CA SER A 175 11.50 -1.99 -8.78
C SER A 175 10.46 -2.15 -9.90
N SER A 176 10.92 -2.43 -11.12
CA SER A 176 10.08 -2.71 -12.27
C SER A 176 10.47 -4.10 -12.72
N THR A 177 9.50 -5.01 -12.76
CA THR A 177 9.75 -6.40 -13.03
C THR A 177 9.00 -6.82 -14.29
N LEU A 178 9.77 -7.14 -15.31
CA LEU A 178 9.24 -7.63 -16.58
C LEU A 178 9.23 -9.16 -16.47
N THR A 179 8.11 -9.81 -16.80
CA THR A 179 7.99 -11.25 -16.73
C THR A 179 7.57 -11.80 -18.08
N LEU A 180 8.27 -12.85 -18.52
CA LEU A 180 8.01 -13.53 -19.78
C LEU A 180 8.13 -15.00 -19.48
N SER A 181 7.74 -15.82 -20.43
CA SER A 181 7.99 -17.25 -20.34
C SER A 181 9.47 -17.40 -20.82
N LYS A 182 10.15 -18.48 -20.42
CA LYS A 182 11.52 -18.77 -20.84
C LYS A 182 11.53 -18.95 -22.35
N ALA A 183 10.54 -19.67 -22.91
CA ALA A 183 10.43 -19.86 -24.36
C ALA A 183 10.42 -18.52 -25.09
N ASP A 184 9.69 -17.51 -24.57
CA ASP A 184 9.63 -16.18 -25.19
C ASP A 184 10.88 -15.39 -24.91
N TYR A 185 11.43 -15.50 -23.69
CA TYR A 185 12.65 -14.81 -23.30
C TYR A 185 13.83 -15.16 -24.21
N GLU A 186 13.89 -16.41 -24.67
CA GLU A 186 14.93 -16.91 -25.55
C GLU A 186 14.78 -16.47 -27.03
N LYS A 187 13.64 -15.88 -27.40
CA LYS A 187 13.42 -15.37 -28.77
C LYS A 187 14.00 -13.96 -28.98
N HIS A 188 14.44 -13.24 -27.92
CA HIS A 188 14.98 -11.87 -28.03
C HIS A 188 16.35 -11.76 -27.46
N LYS A 189 17.09 -10.72 -27.90
CA LYS A 189 18.48 -10.45 -27.53
C LYS A 189 18.67 -9.31 -26.54
N VAL A 190 18.28 -8.07 -26.91
CA VAL A 190 18.51 -6.88 -26.06
C VAL A 190 17.37 -6.60 -25.09
N TYR A 191 17.68 -6.51 -23.78
CA TYR A 191 16.73 -6.17 -22.70
C TYR A 191 17.13 -4.83 -22.11
N ALA A 192 16.28 -3.83 -22.22
CA ALA A 192 16.60 -2.48 -21.79
C ALA A 192 15.56 -1.91 -20.90
N CYS A 193 16.01 -1.18 -19.89
CA CYS A 193 15.20 -0.45 -18.95
C CYS A 193 15.58 0.99 -19.15
N GLU A 194 14.64 1.82 -19.54
CA GLU A 194 14.90 3.21 -19.76
C GLU A 194 14.25 3.98 -18.65
N VAL A 195 15.03 4.79 -17.96
CA VAL A 195 14.54 5.57 -16.81
C VAL A 195 14.56 7.07 -17.12
N THR A 196 13.40 7.72 -16.99
CA THR A 196 13.22 9.16 -17.14
C THR A 196 12.84 9.73 -15.76
N HIS A 197 13.68 10.62 -15.22
CA HIS A 197 13.44 11.25 -13.90
C HIS A 197 13.91 12.68 -13.97
N GLN A 198 13.27 13.56 -13.19
CA GLN A 198 13.63 14.98 -13.20
C GLN A 198 14.99 15.31 -12.61
N GLY A 199 15.60 14.39 -11.83
CA GLY A 199 16.94 14.56 -11.27
C GLY A 199 18.06 14.21 -12.25
N LEU A 200 17.73 13.45 -13.32
CA LEU A 200 18.68 13.03 -14.36
C LEU A 200 18.74 14.04 -15.48
N ARG A 201 19.98 14.42 -15.91
CA ARG A 201 20.17 15.41 -16.99
C ARG A 201 19.58 14.88 -18.29
N SER A 202 19.53 13.56 -18.45
CA SER A 202 18.96 12.89 -19.64
C SER A 202 18.47 11.50 -19.24
N PRO A 203 17.62 10.82 -20.03
CA PRO A 203 17.21 9.46 -19.66
C PRO A 203 18.35 8.47 -19.64
N VAL A 204 18.39 7.64 -18.58
CA VAL A 204 19.39 6.61 -18.39
C VAL A 204 18.82 5.30 -18.88
N THR A 205 19.57 4.54 -19.66
CA THR A 205 19.18 3.22 -20.16
C THR A 205 20.16 2.16 -19.69
N LYS A 206 19.69 1.19 -18.92
CA LYS A 206 20.50 0.06 -18.48
C LYS A 206 19.98 -1.12 -19.30
N SER A 207 20.87 -1.75 -20.05
CA SER A 207 20.54 -2.86 -20.94
C SER A 207 21.54 -3.97 -20.88
N PHE A 208 21.11 -5.16 -21.32
CA PHE A 208 21.96 -6.32 -21.45
C PHE A 208 21.58 -7.10 -22.70
N ASN A 209 22.50 -7.99 -23.12
CA ASN A 209 22.33 -8.90 -24.25
C ASN A 209 22.16 -10.26 -23.68
N ARG A 210 21.06 -10.97 -24.03
CA ARG A 210 20.85 -12.34 -23.59
C ARG A 210 21.83 -13.19 -24.42
N GLY A 211 22.70 -13.92 -23.74
CA GLY A 211 23.76 -14.73 -24.33
C GLY A 211 25.04 -14.40 -23.60
N GLU A 212 25.30 -13.10 -23.50
CA GLU A 212 26.43 -12.54 -22.77
C GLU A 212 26.07 -12.57 -21.28
N CYS A 213 24.78 -12.37 -20.95
CA CYS A 213 24.24 -12.46 -19.59
C CYS A 213 23.41 -13.72 -19.43
N GLN B 1 -11.46 4.34 27.53
CA GLN B 1 -12.58 3.54 28.05
C GLN B 1 -13.46 3.05 26.88
N VAL B 2 -13.75 3.95 25.91
CA VAL B 2 -14.50 3.57 24.71
C VAL B 2 -13.57 2.63 23.94
N GLN B 3 -13.99 1.38 23.73
N GLN B 3 -13.99 1.37 23.74
CA GLN B 3 -13.19 0.38 23.02
CA GLN B 3 -13.21 0.38 23.02
C GLN B 3 -14.07 -0.32 21.99
C GLN B 3 -14.08 -0.28 21.97
N LEU B 4 -13.50 -0.60 20.80
CA LEU B 4 -14.17 -1.31 19.69
C LEU B 4 -13.16 -2.42 19.37
N VAL B 5 -13.47 -3.63 19.73
CA VAL B 5 -12.55 -4.72 19.60
C VAL B 5 -12.91 -5.68 18.47
N GLN B 6 -12.00 -5.88 17.55
CA GLN B 6 -12.24 -6.60 16.35
C GLN B 6 -11.51 -7.91 16.19
N SER B 7 -11.91 -8.69 15.18
CA SER B 7 -11.37 -9.99 14.80
C SER B 7 -9.98 -9.96 14.09
N GLY B 8 -9.52 -11.03 13.47
CA GLY B 8 -8.22 -11.04 12.83
C GLY B 8 -8.25 -11.57 11.44
N VAL B 9 -7.08 -11.81 10.89
CA VAL B 9 -6.94 -12.22 9.52
C VAL B 9 -7.71 -13.47 9.20
N THR B 10 -8.46 -13.44 8.12
CA THR B 10 -9.31 -14.54 7.69
C THR B 10 -9.16 -14.71 6.16
N LEU B 11 -9.12 -15.97 5.67
CA LEU B 11 -9.03 -16.31 4.24
C LEU B 11 -10.36 -16.95 3.84
N VAL B 12 -10.92 -16.54 2.69
CA VAL B 12 -12.17 -17.08 2.15
C VAL B 12 -12.02 -17.27 0.64
N GLN B 13 -12.76 -18.23 0.08
CA GLN B 13 -12.76 -18.51 -1.34
C GLN B 13 -13.80 -17.61 -2.02
N PRO B 14 -13.59 -17.15 -3.28
CA PRO B 14 -14.64 -16.40 -3.99
C PRO B 14 -15.93 -17.23 -4.10
N GLY B 15 -17.04 -16.61 -3.71
CA GLY B 15 -18.34 -17.24 -3.64
C GLY B 15 -18.68 -17.67 -2.23
N GLY B 16 -17.68 -17.61 -1.33
CA GLY B 16 -17.82 -17.99 0.07
C GLY B 16 -18.52 -16.96 0.94
N SER B 17 -18.80 -17.36 2.18
CA SER B 17 -19.48 -16.55 3.18
C SER B 17 -18.56 -16.36 4.37
N LEU B 18 -18.62 -15.17 4.99
CA LEU B 18 -17.82 -14.82 6.15
C LEU B 18 -18.62 -13.86 7.01
N ARG B 19 -18.53 -14.03 8.32
CA ARG B 19 -19.15 -13.16 9.30
C ARG B 19 -18.03 -12.51 10.10
N VAL B 20 -17.91 -11.17 10.03
CA VAL B 20 -16.91 -10.40 10.79
C VAL B 20 -17.65 -9.70 11.96
N SER B 21 -16.97 -9.53 13.12
CA SER B 21 -17.61 -8.94 14.32
C SER B 21 -16.77 -7.88 15.04
N CYS B 22 -17.45 -7.09 15.87
CA CYS B 22 -16.85 -6.00 16.65
C CYS B 22 -17.60 -5.85 17.98
N ALA B 23 -16.90 -6.09 19.10
CA ALA B 23 -17.44 -6.01 20.44
C ALA B 23 -17.17 -4.61 20.98
N ALA B 24 -18.23 -3.89 21.38
CA ALA B 24 -18.10 -2.53 21.86
C ALA B 24 -18.26 -2.42 23.35
N SER B 25 -17.63 -1.41 23.97
CA SER B 25 -17.76 -1.12 25.39
C SER B 25 -17.34 0.31 25.67
N GLY B 26 -17.67 0.80 26.86
CA GLY B 26 -17.33 2.16 27.31
C GLY B 26 -18.28 3.25 26.84
N PHE B 27 -19.45 2.88 26.29
CA PHE B 27 -20.46 3.85 25.84
C PHE B 27 -21.81 3.15 25.68
N THR B 28 -22.91 3.93 25.59
CA THR B 28 -24.25 3.35 25.42
C THR B 28 -24.42 2.92 23.98
N PHE B 29 -24.04 1.66 23.71
CA PHE B 29 -24.04 1.06 22.36
C PHE B 29 -25.32 1.28 21.56
N SER B 30 -26.47 1.03 22.16
CA SER B 30 -27.77 1.21 21.50
C SER B 30 -28.07 2.63 21.01
N SER B 31 -27.41 3.66 21.57
CA SER B 31 -27.68 5.06 21.19
C SER B 31 -27.01 5.42 19.88
N TYR B 32 -25.92 4.72 19.54
CA TYR B 32 -25.12 5.04 18.37
C TYR B 32 -25.34 4.12 17.19
N ALA B 33 -25.46 4.72 16.01
CA ALA B 33 -25.50 3.97 14.77
C ALA B 33 -24.00 3.56 14.56
N MET B 34 -23.77 2.49 13.80
CA MET B 34 -22.43 1.96 13.60
C MET B 34 -22.24 1.69 12.14
N SER B 35 -20.99 1.73 11.67
CA SER B 35 -20.66 1.46 10.28
C SER B 35 -19.52 0.48 10.15
N TRP B 36 -19.37 -0.02 8.92
CA TRP B 36 -18.26 -0.80 8.43
C TRP B 36 -17.66 0.07 7.34
N VAL B 37 -16.35 0.24 7.37
CA VAL B 37 -15.61 1.02 6.38
C VAL B 37 -14.45 0.10 5.95
N ARG B 38 -14.24 -0.07 4.63
CA ARG B 38 -13.16 -0.97 4.21
C ARG B 38 -12.07 -0.21 3.49
N GLN B 39 -10.91 -0.86 3.45
CA GLN B 39 -9.71 -0.35 2.80
C GLN B 39 -8.98 -1.45 2.06
N ALA B 40 -9.07 -1.45 0.72
CA ALA B 40 -8.38 -2.46 -0.10
C ALA B 40 -6.85 -2.18 -0.08
N PRO B 41 -5.97 -3.20 -0.27
CA PRO B 41 -4.52 -2.92 -0.16
C PRO B 41 -4.02 -1.76 -1.03
N GLY B 42 -3.45 -0.74 -0.39
CA GLY B 42 -2.96 0.44 -1.09
C GLY B 42 -4.02 1.37 -1.64
N LYS B 43 -5.25 1.31 -1.09
CA LYS B 43 -6.36 2.15 -1.55
C LYS B 43 -6.92 3.01 -0.39
N GLY B 44 -7.87 3.89 -0.73
CA GLY B 44 -8.52 4.77 0.22
C GLY B 44 -9.71 4.15 0.91
N LEU B 45 -10.22 4.85 1.90
CA LEU B 45 -11.33 4.43 2.73
C LEU B 45 -12.62 4.36 1.92
N GLU B 46 -13.40 3.28 2.10
CA GLU B 46 -14.66 3.07 1.41
C GLU B 46 -15.75 2.68 2.41
N TRP B 47 -16.79 3.52 2.54
CA TRP B 47 -17.91 3.19 3.43
C TRP B 47 -18.70 2.01 2.83
N VAL B 48 -18.92 0.95 3.64
CA VAL B 48 -19.54 -0.32 3.23
C VAL B 48 -21.00 -0.33 3.62
N SER B 49 -21.28 -0.12 4.90
CA SER B 49 -22.67 -0.16 5.39
C SER B 49 -22.79 0.50 6.72
N ALA B 50 -24.05 0.83 7.11
CA ALA B 50 -24.43 1.40 8.40
C ALA B 50 -25.72 0.75 8.91
N ILE B 51 -25.91 0.85 10.22
CA ILE B 51 -27.09 0.34 10.91
C ILE B 51 -27.43 1.34 12.04
N SER B 52 -28.72 1.68 12.22
CA SER B 52 -29.14 2.61 13.28
C SER B 52 -28.95 1.97 14.65
N GLY B 53 -29.01 2.80 15.69
CA GLY B 53 -28.83 2.39 17.08
C GLY B 53 -29.63 1.18 17.51
N LEU B 54 -30.91 1.10 17.11
CA LEU B 54 -31.81 -0.03 17.41
C LEU B 54 -31.76 -1.16 16.36
N GLY B 55 -31.37 -0.85 15.12
CA GLY B 55 -31.30 -1.83 14.05
C GLY B 55 -32.48 -1.85 13.09
N GLY B 56 -33.38 -0.89 13.20
CA GLY B 56 -34.53 -0.81 12.32
C GLY B 56 -34.25 -0.32 10.93
N SER B 57 -33.07 0.30 10.72
CA SER B 57 -32.69 0.82 9.42
C SER B 57 -31.24 0.44 9.09
N THR B 58 -31.03 -0.14 7.89
CA THR B 58 -29.72 -0.55 7.41
C THR B 58 -29.47 0.13 6.05
N TYR B 59 -28.22 0.59 5.82
CA TYR B 59 -27.82 1.28 4.60
C TYR B 59 -26.57 0.59 4.06
N TYR B 60 -26.47 0.49 2.75
CA TYR B 60 -25.36 -0.20 2.08
C TYR B 60 -24.88 0.55 0.87
N ALA B 61 -23.59 0.37 0.56
CA ALA B 61 -22.98 0.91 -0.67
C ALA B 61 -23.48 0.02 -1.80
N ASP B 62 -23.63 0.56 -3.01
CA ASP B 62 -24.12 -0.22 -4.14
C ASP B 62 -23.24 -1.43 -4.46
N SER B 63 -21.92 -1.29 -4.25
CA SER B 63 -20.93 -2.35 -4.43
C SER B 63 -21.22 -3.62 -3.62
N VAL B 64 -21.95 -3.53 -2.46
CA VAL B 64 -22.24 -4.66 -1.58
C VAL B 64 -23.75 -4.91 -1.29
N LYS B 65 -24.66 -4.04 -1.80
CA LYS B 65 -26.11 -4.02 -1.55
C LYS B 65 -26.77 -5.41 -1.28
N GLY B 66 -26.88 -6.25 -2.31
CA GLY B 66 -27.52 -7.56 -2.17
C GLY B 66 -26.64 -8.71 -1.67
N ARG B 67 -25.40 -8.44 -1.21
CA ARG B 67 -24.49 -9.49 -0.76
C ARG B 67 -24.09 -9.41 0.71
N PHE B 68 -24.00 -8.18 1.28
CA PHE B 68 -23.59 -8.01 2.65
C PHE B 68 -24.80 -7.69 3.54
N THR B 69 -24.78 -8.18 4.81
CA THR B 69 -25.85 -7.88 5.76
C THR B 69 -25.22 -7.35 7.02
N ILE B 70 -25.64 -6.15 7.47
CA ILE B 70 -25.14 -5.57 8.72
C ILE B 70 -26.19 -5.92 9.77
N SER B 71 -25.74 -6.19 11.00
CA SER B 71 -26.63 -6.51 12.11
C SER B 71 -25.94 -6.17 13.42
N ARG B 72 -26.71 -6.15 14.51
CA ARG B 72 -26.16 -5.85 15.82
C ARG B 72 -26.95 -6.51 16.95
N ASP B 73 -26.27 -6.83 18.06
CA ASP B 73 -26.88 -7.37 19.26
C ASP B 73 -26.66 -6.35 20.34
N ASN B 74 -27.71 -5.59 20.68
CA ASN B 74 -27.61 -4.54 21.69
C ASN B 74 -27.58 -5.11 23.13
N SER B 75 -27.75 -6.45 23.30
CA SER B 75 -27.65 -7.13 24.60
C SER B 75 -26.18 -7.30 24.97
N LYS B 76 -25.36 -7.81 24.02
CA LYS B 76 -23.92 -8.03 24.26
C LYS B 76 -23.03 -7.02 23.50
N ASN B 77 -23.61 -5.90 23.02
CA ASN B 77 -22.88 -4.79 22.39
C ASN B 77 -21.98 -5.25 21.25
N THR B 78 -22.53 -6.06 20.35
CA THR B 78 -21.76 -6.59 19.24
C THR B 78 -22.31 -6.13 17.92
N LEU B 79 -21.39 -5.69 17.02
CA LEU B 79 -21.71 -5.31 15.65
C LEU B 79 -21.22 -6.46 14.76
N TYR B 80 -22.02 -6.82 13.74
CA TYR B 80 -21.65 -7.90 12.82
C TYR B 80 -21.77 -7.45 11.35
N LEU B 81 -21.07 -8.16 10.46
CA LEU B 81 -21.18 -7.94 9.02
C LEU B 81 -21.09 -9.27 8.34
N GLN B 82 -22.23 -9.75 7.83
CA GLN B 82 -22.29 -11.01 7.10
C GLN B 82 -21.92 -10.66 5.68
N MET B 83 -20.93 -11.35 5.14
CA MET B 83 -20.48 -11.12 3.79
C MET B 83 -20.68 -12.41 3.02
N ASN B 84 -21.70 -12.47 2.20
CA ASN B 84 -22.00 -13.61 1.33
C ASN B 84 -21.57 -13.23 -0.10
N SER B 85 -21.56 -14.21 -1.02
CA SER B 85 -21.22 -14.04 -2.44
C SER B 85 -19.92 -13.23 -2.60
N LEU B 86 -18.90 -13.54 -1.77
CA LEU B 86 -17.65 -12.79 -1.76
C LEU B 86 -16.88 -12.87 -3.08
N ARG B 87 -16.15 -11.80 -3.38
CA ARG B 87 -15.37 -11.66 -4.61
C ARG B 87 -14.00 -11.18 -4.25
N ALA B 88 -13.01 -11.44 -5.14
CA ALA B 88 -11.61 -11.02 -4.91
C ALA B 88 -11.48 -9.53 -4.57
N GLU B 89 -12.33 -8.69 -5.16
CA GLU B 89 -12.32 -7.24 -4.93
C GLU B 89 -12.91 -6.81 -3.56
N ASP B 90 -13.35 -7.77 -2.71
CA ASP B 90 -13.78 -7.50 -1.34
C ASP B 90 -12.59 -7.68 -0.44
N THR B 91 -11.42 -8.07 -0.97
CA THR B 91 -10.21 -8.19 -0.16
C THR B 91 -9.85 -6.80 0.38
N ALA B 92 -9.85 -6.66 1.69
CA ALA B 92 -9.59 -5.38 2.35
C ALA B 92 -9.52 -5.58 3.85
N VAL B 93 -9.09 -4.53 4.57
CA VAL B 93 -9.19 -4.43 6.02
C VAL B 93 -10.64 -3.89 6.24
N TYR B 94 -11.38 -4.45 7.19
CA TYR B 94 -12.74 -3.98 7.54
C TYR B 94 -12.67 -3.39 8.94
N TYR B 95 -12.99 -2.10 9.07
CA TYR B 95 -13.01 -1.42 10.37
C TYR B 95 -14.44 -1.22 10.84
N CYS B 96 -14.74 -1.46 12.12
CA CYS B 96 -16.04 -1.06 12.68
C CYS B 96 -15.83 0.39 13.11
N ALA B 97 -16.89 1.20 13.04
CA ALA B 97 -16.78 2.62 13.37
C ALA B 97 -18.04 3.07 14.05
N LYS B 98 -17.89 3.75 15.20
CA LYS B 98 -19.03 4.23 15.96
C LYS B 98 -19.30 5.62 15.57
N ASP B 99 -20.59 5.99 15.40
CA ASP B 99 -20.96 7.35 15.05
C ASP B 99 -20.54 8.27 16.15
N HIS B 100 -20.16 9.49 15.78
CA HIS B 100 -19.75 10.52 16.71
C HIS B 100 -20.90 10.91 17.61
N ARG B 101 -22.01 11.27 17.03
CA ARG B 101 -23.15 11.70 17.77
C ARG B 101 -24.31 10.71 17.82
N VAL B 102 -25.21 10.88 18.77
CA VAL B 102 -26.39 10.03 18.97
C VAL B 102 -27.49 10.38 17.93
N TRP B 103 -27.31 11.41 17.09
CA TRP B 103 -28.35 11.80 16.12
C TRP B 103 -28.80 10.64 15.21
N ALA B 104 -30.01 10.78 14.67
CA ALA B 104 -30.58 9.83 13.75
C ALA B 104 -29.82 9.87 12.40
N ALA B 105 -29.41 11.05 11.94
CA ALA B 105 -28.71 11.21 10.65
C ALA B 105 -27.19 11.59 10.83
N GLY B 106 -26.52 11.87 9.72
CA GLY B 106 -25.14 12.34 9.71
C GLY B 106 -24.08 11.41 10.26
N TYR B 107 -23.88 10.28 9.59
CA TYR B 107 -22.91 9.29 10.02
C TYR B 107 -21.43 9.69 9.70
N HIS B 108 -20.67 10.07 10.75
CA HIS B 108 -19.21 10.30 10.74
C HIS B 108 -18.70 9.70 12.07
N PHE B 109 -17.46 9.18 12.08
CA PHE B 109 -16.97 8.30 13.16
C PHE B 109 -15.88 8.82 14.05
N ASP B 110 -16.16 8.90 15.38
N ASP B 110 -16.13 8.91 15.36
CA ASP B 110 -15.21 9.34 16.40
CA ASP B 110 -15.13 9.40 16.33
C ASP B 110 -14.20 8.22 16.70
C ASP B 110 -14.20 8.27 16.87
N TYR B 111 -14.69 7.01 17.01
CA TYR B 111 -13.85 5.86 17.36
C TYR B 111 -13.90 4.79 16.29
N TRP B 112 -12.77 4.11 16.10
CA TRP B 112 -12.60 3.07 15.10
C TRP B 112 -12.01 1.83 15.72
N GLY B 113 -12.34 0.67 15.17
CA GLY B 113 -11.73 -0.59 15.58
C GLY B 113 -10.35 -0.70 14.94
N GLN B 114 -9.56 -1.67 15.35
CA GLN B 114 -8.20 -1.82 14.81
C GLN B 114 -8.17 -2.40 13.38
N GLY B 115 -9.33 -2.87 12.89
CA GLY B 115 -9.43 -3.45 11.56
C GLY B 115 -9.19 -4.94 11.61
N ALA B 116 -9.72 -5.63 10.59
CA ALA B 116 -9.62 -7.07 10.40
C ALA B 116 -9.40 -7.27 8.94
N LEU B 117 -8.29 -7.91 8.56
CA LEU B 117 -7.98 -8.17 7.15
C LEU B 117 -8.79 -9.37 6.66
N VAL B 118 -9.60 -9.18 5.61
CA VAL B 118 -10.37 -10.26 4.99
C VAL B 118 -9.77 -10.43 3.57
N THR B 119 -9.19 -11.60 3.27
CA THR B 119 -8.57 -11.91 1.98
C THR B 119 -9.45 -12.91 1.23
N VAL B 120 -9.91 -12.54 0.05
CA VAL B 120 -10.76 -13.37 -0.79
C VAL B 120 -9.91 -13.85 -1.94
N SER B 121 -9.67 -15.16 -2.03
CA SER B 121 -8.78 -15.74 -3.02
C SER B 121 -8.96 -17.26 -3.12
N SER B 122 -8.86 -17.78 -4.36
CA SER B 122 -8.91 -19.20 -4.66
C SER B 122 -7.48 -19.76 -4.77
N ALA B 123 -6.51 -19.20 -4.00
CA ALA B 123 -5.13 -19.65 -4.02
C ALA B 123 -4.88 -20.50 -2.80
N SER B 124 -3.99 -21.47 -2.94
CA SER B 124 -3.60 -22.40 -1.89
C SER B 124 -2.27 -21.97 -1.32
N THR B 125 -2.03 -22.31 -0.04
CA THR B 125 -0.79 -21.98 0.65
C THR B 125 0.39 -22.49 -0.17
N LYS B 126 1.37 -21.63 -0.41
CA LYS B 126 2.54 -21.97 -1.20
C LYS B 126 3.73 -21.18 -0.72
N GLY B 127 4.87 -21.85 -0.64
CA GLY B 127 6.12 -21.22 -0.24
C GLY B 127 6.74 -20.56 -1.44
N PRO B 128 7.55 -19.51 -1.21
CA PRO B 128 8.15 -18.80 -2.35
C PRO B 128 9.30 -19.50 -3.00
N SER B 129 9.52 -19.11 -4.28
CA SER B 129 10.72 -19.44 -5.01
C SER B 129 11.70 -18.30 -4.63
N VAL B 130 13.01 -18.58 -4.51
CA VAL B 130 13.98 -17.54 -4.17
C VAL B 130 15.06 -17.55 -5.22
N PHE B 131 15.00 -16.61 -6.16
CA PHE B 131 16.01 -16.52 -7.20
C PHE B 131 16.99 -15.41 -6.89
N PRO B 132 18.29 -15.54 -7.25
CA PRO B 132 19.21 -14.45 -6.98
C PRO B 132 19.14 -13.36 -8.04
N LEU B 133 19.35 -12.10 -7.62
CA LEU B 133 19.46 -10.96 -8.52
C LEU B 133 20.99 -10.70 -8.45
N ALA B 134 21.73 -11.25 -9.42
CA ALA B 134 23.20 -11.26 -9.33
C ALA B 134 23.86 -9.92 -9.64
N PRO B 135 24.89 -9.52 -8.83
CA PRO B 135 25.61 -8.30 -9.16
C PRO B 135 26.49 -8.50 -10.40
N SER B 136 26.70 -7.44 -11.15
CA SER B 136 27.47 -7.50 -12.40
C SER B 136 27.81 -6.10 -12.83
N SER B 137 28.48 -5.96 -13.99
CA SER B 137 28.78 -4.65 -14.58
C SER B 137 27.52 -3.78 -14.76
N LYS B 138 26.37 -4.44 -15.02
CA LYS B 138 25.09 -3.80 -15.32
C LYS B 138 24.31 -3.43 -14.02
N SER B 139 24.73 -4.00 -12.89
CA SER B 139 24.24 -3.63 -11.57
C SER B 139 25.43 -3.04 -10.75
N THR B 140 26.33 -2.27 -11.42
CA THR B 140 27.46 -1.58 -10.78
C THR B 140 27.48 -0.13 -11.29
N SER B 141 27.45 0.83 -10.34
CA SER B 141 27.50 2.28 -10.63
C SER B 141 28.72 2.84 -9.88
N GLY B 142 29.88 2.72 -10.52
CA GLY B 142 31.15 3.20 -9.97
C GLY B 142 31.67 2.29 -8.87
N GLY B 143 31.69 2.82 -7.65
CA GLY B 143 32.17 2.07 -6.48
C GLY B 143 31.12 1.27 -5.75
N THR B 144 29.84 1.36 -6.18
CA THR B 144 28.74 0.64 -5.53
C THR B 144 28.03 -0.31 -6.48
N ALA B 145 27.66 -1.48 -5.95
CA ALA B 145 26.92 -2.49 -6.70
C ALA B 145 25.60 -2.82 -6.01
N ALA B 146 24.63 -3.22 -6.80
CA ALA B 146 23.33 -3.66 -6.30
C ALA B 146 23.21 -5.17 -6.53
N LEU B 147 22.55 -5.84 -5.62
CA LEU B 147 22.24 -7.27 -5.70
C LEU B 147 20.96 -7.50 -4.91
N GLY B 148 20.40 -8.68 -5.05
CA GLY B 148 19.17 -9.00 -4.34
C GLY B 148 18.67 -10.41 -4.50
N CYS B 149 17.45 -10.66 -4.04
CA CYS B 149 16.75 -11.93 -4.16
C CYS B 149 15.32 -11.66 -4.62
N LEU B 150 14.84 -12.40 -5.63
CA LEU B 150 13.47 -12.31 -6.12
C LEU B 150 12.69 -13.42 -5.41
N VAL B 151 11.76 -13.03 -4.54
CA VAL B 151 10.93 -13.91 -3.71
C VAL B 151 9.59 -14.00 -4.41
N LYS B 152 9.38 -15.05 -5.21
CA LYS B 152 8.24 -15.17 -6.14
C LYS B 152 7.29 -16.35 -5.91
N ASP B 153 6.04 -16.16 -6.37
CA ASP B 153 4.96 -17.16 -6.33
C ASP B 153 4.70 -17.69 -4.94
N TYR B 154 4.21 -16.85 -4.02
CA TYR B 154 3.89 -17.31 -2.68
C TYR B 154 2.51 -16.86 -2.30
N PHE B 155 1.92 -17.62 -1.38
CA PHE B 155 0.61 -17.31 -0.84
C PHE B 155 0.43 -17.97 0.52
N PRO B 156 -0.18 -17.29 1.52
CA PRO B 156 -0.54 -15.86 1.57
C PRO B 156 0.66 -15.02 2.05
N GLU B 157 0.43 -13.74 2.33
CA GLU B 157 1.44 -12.86 2.92
C GLU B 157 1.47 -13.15 4.45
N PRO B 158 2.57 -12.84 5.15
CA PRO B 158 3.83 -12.22 4.70
C PRO B 158 5.00 -13.18 4.49
N VAL B 159 6.05 -12.60 3.92
CA VAL B 159 7.36 -13.24 3.75
C VAL B 159 8.35 -12.25 4.39
N THR B 160 9.36 -12.76 5.10
CA THR B 160 10.38 -11.89 5.69
C THR B 160 11.66 -12.15 4.95
N VAL B 161 12.52 -11.14 4.86
CA VAL B 161 13.80 -11.26 4.18
C VAL B 161 14.86 -10.55 5.02
N SER B 162 15.88 -11.30 5.42
CA SER B 162 17.06 -10.81 6.15
C SER B 162 18.22 -10.99 5.17
N TRP B 163 19.35 -10.37 5.46
CA TRP B 163 20.56 -10.51 4.69
C TRP B 163 21.70 -10.87 5.65
N ASN B 164 22.43 -11.96 5.37
CA ASN B 164 23.52 -12.46 6.23
C ASN B 164 23.06 -12.65 7.68
N SER B 165 21.88 -13.28 7.83
CA SER B 165 21.20 -13.59 9.09
C SER B 165 21.01 -12.38 10.02
N GLY B 166 20.89 -11.18 9.44
CA GLY B 166 20.69 -9.93 10.16
C GLY B 166 21.91 -9.03 10.22
N ALA B 167 23.11 -9.57 9.94
CA ALA B 167 24.35 -8.80 9.96
C ALA B 167 24.40 -7.68 8.92
N LEU B 168 23.66 -7.81 7.80
CA LEU B 168 23.65 -6.81 6.74
C LEU B 168 22.29 -6.10 6.72
N THR B 169 22.30 -4.77 6.93
CA THR B 169 21.09 -3.96 7.06
C THR B 169 21.15 -2.61 6.34
N SER B 170 22.31 -1.95 6.31
CA SER B 170 22.45 -0.64 5.66
C SER B 170 22.37 -0.82 4.13
N GLY B 171 21.42 -0.11 3.52
CA GLY B 171 21.20 -0.17 2.08
C GLY B 171 20.23 -1.24 1.65
N VAL B 172 19.57 -1.90 2.60
CA VAL B 172 18.59 -2.95 2.28
C VAL B 172 17.25 -2.33 1.95
N HIS B 173 16.56 -2.85 0.91
CA HIS B 173 15.19 -2.45 0.53
C HIS B 173 14.40 -3.70 0.16
N THR B 174 13.40 -4.04 0.95
CA THR B 174 12.49 -5.17 0.68
C THR B 174 11.23 -4.53 0.22
N PHE B 175 10.94 -4.65 -1.06
CA PHE B 175 9.81 -3.97 -1.65
C PHE B 175 8.46 -4.54 -1.20
N PRO B 176 7.39 -3.72 -1.15
CA PRO B 176 6.07 -4.30 -0.83
C PRO B 176 5.70 -5.35 -1.89
N ALA B 177 4.89 -6.32 -1.51
CA ALA B 177 4.51 -7.38 -2.44
C ALA B 177 3.53 -6.88 -3.43
N VAL B 178 3.50 -7.52 -4.60
CA VAL B 178 2.48 -7.23 -5.60
C VAL B 178 1.76 -8.53 -5.86
N LEU B 179 0.44 -8.46 -6.04
CA LEU B 179 -0.36 -9.63 -6.35
C LEU B 179 -0.29 -9.81 -7.88
N GLN B 180 0.14 -10.98 -8.32
CA GLN B 180 0.30 -11.27 -9.74
C GLN B 180 -1.02 -11.75 -10.27
N SER B 181 -1.20 -11.74 -11.59
CA SER B 181 -2.42 -12.23 -12.26
C SER B 181 -2.76 -13.68 -11.85
N SER B 182 -1.73 -14.47 -11.53
CA SER B 182 -1.87 -15.84 -11.03
C SER B 182 -2.53 -15.98 -9.65
N GLY B 183 -2.57 -14.88 -8.88
CA GLY B 183 -3.13 -14.87 -7.54
C GLY B 183 -2.12 -15.19 -6.46
N LEU B 184 -0.82 -15.18 -6.85
CA LEU B 184 0.31 -15.42 -5.98
C LEU B 184 1.05 -14.10 -5.84
N TYR B 185 1.76 -13.94 -4.73
CA TYR B 185 2.50 -12.72 -4.44
C TYR B 185 3.94 -12.81 -4.89
N SER B 186 4.56 -11.67 -5.11
CA SER B 186 5.98 -11.64 -5.46
C SER B 186 6.61 -10.35 -4.97
N LEU B 187 7.85 -10.44 -4.56
CA LEU B 187 8.61 -9.26 -4.15
C LEU B 187 10.10 -9.50 -4.37
N SER B 188 10.88 -8.45 -4.36
CA SER B 188 12.32 -8.54 -4.50
C SER B 188 12.88 -7.76 -3.33
N SER B 189 13.99 -8.24 -2.75
CA SER B 189 14.72 -7.54 -1.69
C SER B 189 16.07 -7.27 -2.26
N VAL B 190 16.53 -6.02 -2.20
CA VAL B 190 17.81 -5.61 -2.76
C VAL B 190 18.67 -4.96 -1.71
N VAL B 191 19.97 -4.85 -2.02
CA VAL B 191 20.95 -4.21 -1.15
C VAL B 191 22.14 -3.64 -1.95
N THR B 192 22.66 -2.48 -1.51
CA THR B 192 23.80 -1.82 -2.13
C THR B 192 25.02 -2.12 -1.27
N VAL B 193 26.12 -2.51 -1.92
CA VAL B 193 27.33 -2.92 -1.26
C VAL B 193 28.54 -2.36 -2.03
N PRO B 194 29.77 -2.39 -1.48
CA PRO B 194 30.93 -1.94 -2.28
C PRO B 194 31.24 -2.94 -3.41
N SER B 195 31.27 -2.47 -4.66
CA SER B 195 31.57 -3.30 -5.83
C SER B 195 33.04 -3.83 -5.82
N SER B 196 33.95 -3.09 -5.14
CA SER B 196 35.36 -3.46 -5.02
C SER B 196 35.56 -4.79 -4.28
N SER B 197 34.69 -5.08 -3.31
CA SER B 197 34.78 -6.30 -2.50
C SER B 197 33.75 -7.41 -2.90
N LEU B 198 33.23 -7.40 -4.15
CA LEU B 198 32.26 -8.43 -4.61
C LEU B 198 32.86 -9.86 -4.63
N GLY B 199 34.11 -9.99 -5.07
CA GLY B 199 34.80 -11.27 -5.10
C GLY B 199 35.19 -11.85 -3.74
N THR B 200 35.16 -11.02 -2.69
CA THR B 200 35.56 -11.38 -1.33
C THR B 200 34.41 -11.56 -0.33
N GLN B 201 33.40 -10.68 -0.37
N GLN B 201 33.40 -10.66 -0.34
CA GLN B 201 32.25 -10.73 0.55
CA GLN B 201 32.29 -10.73 0.62
C GLN B 201 31.21 -11.72 0.06
C GLN B 201 31.20 -11.67 0.10
N THR B 202 30.60 -12.46 1.00
CA THR B 202 29.55 -13.43 0.68
C THR B 202 28.21 -12.79 1.06
N TYR B 203 27.21 -12.93 0.20
CA TYR B 203 25.89 -12.34 0.45
C TYR B 203 24.86 -13.41 0.32
N ILE B 204 24.09 -13.62 1.40
CA ILE B 204 23.04 -14.60 1.49
C ILE B 204 21.78 -13.91 1.92
N CYS B 205 20.64 -14.15 1.22
CA CYS B 205 19.34 -13.64 1.67
C CYS B 205 18.63 -14.78 2.41
N ASN B 206 18.08 -14.48 3.60
CA ASN B 206 17.42 -15.47 4.45
C ASN B 206 15.94 -15.20 4.33
N VAL B 207 15.21 -16.06 3.61
CA VAL B 207 13.82 -15.83 3.31
C VAL B 207 12.99 -16.76 4.17
N ASN B 208 12.00 -16.22 4.89
CA ASN B 208 11.11 -17.06 5.72
C ASN B 208 9.65 -16.77 5.39
N HIS B 209 8.86 -17.82 5.13
CA HIS B 209 7.44 -17.69 4.88
C HIS B 209 6.72 -18.66 5.87
N LYS B 210 6.31 -18.14 7.05
CA LYS B 210 5.71 -18.96 8.12
C LYS B 210 4.52 -19.81 7.67
N PRO B 211 3.56 -19.33 6.85
CA PRO B 211 2.42 -20.20 6.47
C PRO B 211 2.80 -21.59 5.97
N SER B 212 3.80 -21.68 5.10
CA SER B 212 4.24 -22.96 4.52
C SER B 212 5.52 -23.53 5.18
N ASN B 213 5.91 -23.05 6.38
CA ASN B 213 7.10 -23.52 7.10
C ASN B 213 8.36 -23.57 6.18
N THR B 214 8.53 -22.51 5.39
CA THR B 214 9.62 -22.35 4.44
C THR B 214 10.64 -21.41 5.01
N LYS B 215 11.92 -21.81 5.00
CA LYS B 215 13.06 -21.02 5.46
C LYS B 215 14.21 -21.26 4.46
N VAL B 216 14.42 -20.36 3.49
CA VAL B 216 15.45 -20.51 2.46
C VAL B 216 16.64 -19.60 2.71
N ASP B 217 17.87 -20.12 2.47
CA ASP B 217 19.13 -19.38 2.51
C ASP B 217 19.65 -19.48 1.09
N LYS B 218 19.76 -18.35 0.38
CA LYS B 218 20.24 -18.34 -1.00
C LYS B 218 21.47 -17.45 -1.08
N LYS B 219 22.60 -18.03 -1.52
CA LYS B 219 23.85 -17.30 -1.72
C LYS B 219 23.69 -16.53 -3.05
N VAL B 220 23.93 -15.21 -3.03
CA VAL B 220 23.86 -14.34 -4.24
C VAL B 220 25.28 -14.07 -4.77
N GLU B 221 25.67 -14.74 -5.85
CA GLU B 221 27.01 -14.62 -6.42
C GLU B 221 27.04 -13.77 -7.69
N PRO B 222 28.18 -13.09 -7.98
CA PRO B 222 28.26 -12.29 -9.22
C PRO B 222 28.24 -13.09 -10.51
N LYS B 223 27.89 -12.41 -11.61
CA LYS B 223 27.85 -12.95 -12.98
C LYS B 223 28.55 -11.94 -13.88
N SER B 224 29.42 -12.41 -14.81
CA SER B 224 30.17 -11.53 -15.72
C SER B 224 29.27 -10.53 -16.43
N CYS B 225 28.25 -11.08 -17.12
CA CYS B 225 27.26 -10.31 -17.87
C CYS B 225 27.91 -9.60 -19.11
N ASP B 226 28.07 -8.24 -19.15
CA ASP B 226 28.63 -7.47 -20.27
C ASP B 226 28.41 -8.09 -21.68
CL CL C . -2.03 16.09 -7.50
CL CL D . -0.38 23.11 17.84
CL CL E . -3.19 2.58 5.49
C1 AE3 F . -3.49 5.24 0.61
C2 AE3 F . -3.61 6.02 -0.71
O2 AE3 F . -4.33 7.20 -0.49
C3 AE3 F . -4.39 8.04 -1.60
C4 AE3 F . -3.47 9.25 -1.37
O3 AE3 F . -2.72 9.51 -2.52
C5 AE3 F . -1.64 8.64 -2.74
C6 AE3 F . -0.69 9.26 -3.76
O4 AE3 F . 0.31 8.33 -4.08
O1 PG4 G . 8.04 -12.52 -27.27
C1 PG4 G . 6.80 -12.01 -26.85
C2 PG4 G . 7.00 -11.16 -25.59
O2 PG4 G . 7.09 -9.81 -25.93
C3 PG4 G . 8.21 -9.45 -26.69
C4 PG4 G . 7.76 -9.20 -28.14
O3 PG4 G . 8.33 -8.01 -28.63
C5 PG4 G . 7.67 -6.83 -28.21
C6 PG4 G . 6.41 -6.58 -29.04
O4 PG4 G . 5.57 -5.71 -28.36
C7 PG4 G . 4.75 -6.32 -27.40
C8 PG4 G . 4.06 -5.24 -26.55
O5 PG4 G . 4.05 -5.64 -25.21
CL CL H . -36.32 0.98 14.75
CL CL I . -32.32 4.24 16.47
CL CL J . -17.05 5.66 0.06
#